data_5KML
#
_entry.id   5KML
#
_cell.length_a   51.920
_cell.length_b   51.920
_cell.length_c   230.960
_cell.angle_alpha   90.000
_cell.angle_beta   90.000
_cell.angle_gamma   120.000
#
_symmetry.space_group_name_H-M   'P 31 1 2'
#
loop_
_entity.id
_entity.type
_entity.pdbx_description
1 polymer 'High affinity nerve growth factor receptor'
2 non-polymer 1-(5-methyl-3-phenyl-1,2-oxazol-4-yl)-3-[[2-(trifluoromethyl)phenyl]methyl]urea
3 water water
#
_entity_poly.entity_id   1
_entity_poly.type   'polypeptide(L)'
_entity_poly.pdbx_seq_one_letter_code
;(ACE)SSLSPTEGKGSGLQGHIIENPQYFSDACVHHIKRRDIVLKWELGEGAFGKVFLAECHNLLPEQDKMLVAVKALKE
ASESARQDFQREAELLTMLQHQHIVRFFGVCTEGRPLLMVFEYMRHGDLNRFLRSHGPDAKLLAGGEDVAPGPLGLGQLL
AVASQVAAGMVYLAGLHFVHRDLATRNCLVGQGLVVKIGDFGMSRDIYSTDYYRVGGRTMLPIRWMPPESILYRKFTTES
DVWSFGVVLWEIFTYGKQPWYQLSNTEAIDCITQGRELERPRACPPEVYAIMRGCWQREPQQRHSIKDVHARLQALAQAP
PVYLDVLGHHHHHH
;
_entity_poly.pdbx_strand_id   A
#
# COMPACT_ATOMS: atom_id res chain seq x y z
N SER A 2 10.96 0.03 -6.43
CA SER A 2 10.77 0.80 -7.67
C SER A 2 9.61 1.83 -7.62
N SER A 3 8.60 1.63 -6.73
CA SER A 3 7.47 2.53 -6.52
C SER A 3 7.86 3.87 -5.91
N LEU A 4 9.06 3.96 -5.33
CA LEU A 4 9.50 5.22 -4.75
C LEU A 4 10.30 6.05 -5.71
N SER A 5 10.17 7.37 -5.55
CA SER A 5 10.87 8.40 -6.32
C SER A 5 11.32 9.47 -5.31
N PRO A 6 12.59 9.95 -5.36
CA PRO A 6 13.01 10.99 -4.39
C PRO A 6 12.38 12.36 -4.64
N THR A 7 12.49 13.26 -3.63
CA THR A 7 11.98 14.64 -3.59
C THR A 7 10.47 14.70 -3.80
N ASP A 27 26.04 -0.66 -1.43
CA ASP A 27 25.69 -2.07 -1.53
C ASP A 27 26.01 -2.88 -0.26
N ALA A 28 26.95 -2.36 0.58
CA ALA A 28 27.40 -2.97 1.83
C ALA A 28 26.34 -2.93 2.93
N CYS A 29 25.49 -1.89 2.95
CA CYS A 29 24.41 -1.70 3.93
C CYS A 29 23.34 -2.81 3.85
N VAL A 30 23.21 -3.45 2.67
CA VAL A 30 22.25 -4.51 2.39
C VAL A 30 22.60 -5.78 3.17
N HIS A 31 21.62 -6.30 3.93
CA HIS A 31 21.79 -7.52 4.69
C HIS A 31 21.70 -8.72 3.77
N HIS A 32 22.53 -9.72 4.01
CA HIS A 32 22.58 -10.93 3.20
C HIS A 32 22.19 -12.13 4.01
N ILE A 33 21.49 -13.07 3.38
CA ILE A 33 20.99 -14.30 3.99
C ILE A 33 21.51 -15.47 3.14
N LYS A 34 22.02 -16.54 3.78
CA LYS A 34 22.51 -17.75 3.07
C LYS A 34 21.33 -18.49 2.48
N ARG A 35 21.48 -19.08 1.27
CA ARG A 35 20.39 -19.83 0.64
C ARG A 35 19.92 -21.04 1.47
N ARG A 36 20.83 -21.65 2.26
CA ARG A 36 20.51 -22.79 3.14
C ARG A 36 19.67 -22.35 4.35
N ASP A 37 19.71 -21.05 4.66
CA ASP A 37 18.94 -20.50 5.76
C ASP A 37 17.47 -20.26 5.34
N ILE A 38 17.16 -20.41 4.04
CA ILE A 38 15.83 -20.21 3.44
C ILE A 38 15.27 -21.52 2.98
N VAL A 39 14.10 -21.91 3.50
CA VAL A 39 13.46 -23.15 3.08
C VAL A 39 12.09 -22.82 2.51
N LEU A 40 11.95 -22.89 1.17
CA LEU A 40 10.70 -22.58 0.49
C LEU A 40 9.63 -23.59 0.86
N LYS A 41 8.43 -23.10 1.18
CA LYS A 41 7.32 -23.98 1.54
C LYS A 41 6.41 -24.13 0.35
N TRP A 42 5.87 -23.00 -0.17
CA TRP A 42 4.98 -22.99 -1.32
C TRP A 42 4.79 -21.57 -1.84
N GLU A 43 4.24 -21.45 -3.05
CA GLU A 43 3.98 -20.18 -3.71
C GLU A 43 2.81 -19.44 -3.01
N LEU A 44 2.87 -18.09 -3.00
CA LEU A 44 1.85 -17.22 -2.42
C LEU A 44 1.26 -16.38 -3.53
N GLY A 45 2.04 -16.16 -4.59
CA GLY A 45 1.65 -15.38 -5.74
C GLY A 45 2.69 -15.33 -6.84
N GLU A 46 2.31 -14.71 -7.98
CA GLU A 46 3.17 -14.56 -9.15
C GLU A 46 2.79 -13.36 -10.03
N GLY A 47 3.82 -12.80 -10.67
CA GLY A 47 3.74 -11.68 -11.58
C GLY A 47 4.56 -11.93 -12.85
N ALA A 48 4.67 -10.90 -13.71
CA ALA A 48 5.44 -11.00 -14.95
C ALA A 48 6.95 -10.90 -14.68
N PHE A 49 7.34 -10.26 -13.55
CA PHE A 49 8.73 -10.08 -13.14
C PHE A 49 9.21 -11.11 -12.09
N GLY A 50 8.32 -11.97 -11.59
CA GLY A 50 8.71 -12.96 -10.59
C GLY A 50 7.62 -13.73 -9.88
N LYS A 51 7.99 -14.39 -8.77
CA LYS A 51 7.12 -15.21 -7.91
C LYS A 51 7.38 -14.89 -6.45
N VAL A 52 6.38 -15.17 -5.60
CA VAL A 52 6.48 -14.96 -4.15
C VAL A 52 6.18 -16.29 -3.53
N PHE A 53 6.97 -16.64 -2.53
CA PHE A 53 6.85 -17.88 -1.80
C PHE A 53 6.81 -17.65 -0.33
N LEU A 54 6.10 -18.54 0.37
CA LEU A 54 6.14 -18.55 1.81
C LEU A 54 7.38 -19.47 2.06
N ALA A 55 8.21 -19.11 3.01
CA ALA A 55 9.40 -19.89 3.35
C ALA A 55 9.67 -19.81 4.86
N GLU A 56 10.49 -20.73 5.34
CA GLU A 56 10.97 -20.81 6.72
C GLU A 56 12.39 -20.23 6.67
N CYS A 57 12.68 -19.25 7.53
CA CYS A 57 14.01 -18.65 7.59
C CYS A 57 14.65 -18.93 8.94
N HIS A 58 15.81 -19.59 8.91
CA HIS A 58 16.55 -19.95 10.13
C HIS A 58 17.62 -18.93 10.44
N ASN A 59 17.78 -18.62 11.74
CA ASN A 59 18.76 -17.69 12.32
C ASN A 59 18.73 -16.31 11.66
N LEU A 60 17.55 -15.66 11.72
CA LEU A 60 17.27 -14.33 11.19
C LEU A 60 17.08 -13.40 12.39
N LEU A 61 16.25 -13.86 13.37
CA LEU A 61 15.97 -13.17 14.62
C LEU A 61 16.12 -14.21 15.77
N PRO A 62 16.88 -13.89 16.86
CA PRO A 62 17.07 -14.87 17.95
C PRO A 62 15.79 -15.37 18.65
N ASP A 65 14.72 -18.59 16.63
CA ASP A 65 15.34 -19.75 15.98
C ASP A 65 14.88 -19.87 14.53
N LYS A 66 13.56 -20.00 14.29
CA LYS A 66 12.98 -20.11 12.95
C LYS A 66 11.66 -19.30 12.83
N MET A 67 11.46 -18.68 11.65
CA MET A 67 10.28 -17.86 11.38
C MET A 67 9.84 -17.92 9.92
N LEU A 68 8.58 -17.60 9.68
CA LEU A 68 8.03 -17.57 8.33
C LEU A 68 8.37 -16.23 7.70
N VAL A 69 8.60 -16.23 6.40
CA VAL A 69 8.95 -15.02 5.65
C VAL A 69 8.28 -15.13 4.31
N ALA A 70 8.17 -14.01 3.58
CA ALA A 70 7.67 -13.98 2.22
C ALA A 70 8.95 -13.76 1.39
N VAL A 71 9.20 -14.61 0.40
CA VAL A 71 10.39 -14.50 -0.43
C VAL A 71 10.02 -14.13 -1.87
N LYS A 72 10.53 -13.01 -2.35
CA LYS A 72 10.27 -12.60 -3.72
C LYS A 72 11.48 -13.04 -4.55
N ALA A 73 11.25 -13.94 -5.51
CA ALA A 73 12.27 -14.45 -6.42
C ALA A 73 12.22 -13.64 -7.72
N LEU A 74 13.35 -13.05 -8.09
CA LEU A 74 13.46 -12.25 -9.30
C LEU A 74 13.64 -13.17 -10.50
N LYS A 75 12.75 -13.02 -11.50
CA LYS A 75 12.75 -13.80 -12.74
C LYS A 75 13.90 -13.29 -13.62
N GLU A 76 14.92 -14.16 -13.87
CA GLU A 76 16.12 -13.89 -14.67
C GLU A 76 17.00 -12.77 -14.08
N SER A 78 19.13 -9.25 -18.05
CA SER A 78 19.30 -9.71 -16.67
C SER A 78 20.20 -8.78 -15.85
N GLU A 79 21.32 -8.28 -16.45
CA GLU A 79 22.25 -7.37 -15.77
C GLU A 79 21.58 -5.98 -15.52
N SER A 80 20.56 -5.66 -16.35
CA SER A 80 19.76 -4.45 -16.23
C SER A 80 18.88 -4.61 -14.98
N ALA A 81 18.24 -5.79 -14.85
CA ALA A 81 17.38 -6.15 -13.72
C ALA A 81 18.18 -6.32 -12.42
N ARG A 82 19.42 -6.87 -12.49
CA ARG A 82 20.34 -7.09 -11.37
C ARG A 82 20.73 -5.78 -10.68
N GLN A 83 20.96 -4.70 -11.48
CA GLN A 83 21.31 -3.40 -10.91
C GLN A 83 20.06 -2.72 -10.33
N ASP A 84 18.89 -3.02 -10.92
CA ASP A 84 17.60 -2.51 -10.45
C ASP A 84 17.30 -3.17 -9.10
N PHE A 85 17.66 -4.47 -8.96
CA PHE A 85 17.51 -5.28 -7.76
C PHE A 85 18.36 -4.69 -6.62
N GLN A 86 19.62 -4.34 -6.95
CA GLN A 86 20.61 -3.79 -6.05
C GLN A 86 20.17 -2.41 -5.53
N ARG A 87 19.73 -1.51 -6.43
CA ARG A 87 19.24 -0.18 -6.06
C ARG A 87 17.99 -0.32 -5.16
N GLU A 88 17.05 -1.24 -5.54
CA GLU A 88 15.81 -1.53 -4.80
C GLU A 88 16.09 -2.05 -3.38
N ALA A 89 17.03 -3.00 -3.23
CA ALA A 89 17.42 -3.56 -1.93
C ALA A 89 18.05 -2.45 -1.06
N GLU A 90 18.87 -1.56 -1.67
CA GLU A 90 19.49 -0.44 -0.93
C GLU A 90 18.40 0.49 -0.41
N LEU A 91 17.40 0.82 -1.25
CA LEU A 91 16.28 1.68 -0.91
C LEU A 91 15.43 1.03 0.18
N LEU A 92 15.13 -0.28 0.03
CA LEU A 92 14.33 -1.02 1.01
C LEU A 92 15.07 -1.12 2.35
N THR A 93 16.43 -1.17 2.33
CA THR A 93 17.23 -1.21 3.57
C THR A 93 17.07 0.12 4.34
N MET A 94 17.05 1.26 3.63
CA MET A 94 16.88 2.62 4.18
C MET A 94 15.54 2.76 4.92
N LEU A 95 14.50 2.27 4.25
CA LEU A 95 13.10 2.30 4.63
C LEU A 95 12.74 1.28 5.69
N GLN A 96 12.99 1.61 6.95
CA GLN A 96 12.65 0.73 8.05
C GLN A 96 11.85 1.53 9.05
N HIS A 97 10.58 1.12 9.25
CA HIS A 97 9.65 1.76 10.17
C HIS A 97 8.51 0.81 10.54
N GLN A 98 7.80 1.13 11.63
CA GLN A 98 6.66 0.38 12.19
C GLN A 98 5.48 0.13 11.19
N HIS A 99 5.27 1.04 10.19
CA HIS A 99 4.15 0.85 9.25
C HIS A 99 4.58 0.70 7.77
N ILE A 100 5.80 0.19 7.59
CA ILE A 100 6.41 -0.18 6.31
C ILE A 100 6.74 -1.67 6.47
N VAL A 101 6.35 -2.53 5.50
CA VAL A 101 6.62 -3.97 5.52
C VAL A 101 8.14 -4.19 5.72
N ARG A 102 8.50 -5.03 6.69
CA ARG A 102 9.90 -5.28 7.00
C ARG A 102 10.61 -6.06 5.92
N PHE A 103 11.73 -5.52 5.48
CA PHE A 103 12.64 -6.09 4.49
C PHE A 103 13.86 -6.59 5.31
N PHE A 104 14.10 -7.91 5.28
CA PHE A 104 15.18 -8.59 6.00
C PHE A 104 16.52 -8.65 5.25
N GLY A 105 16.45 -8.57 3.94
CA GLY A 105 17.64 -8.62 3.11
C GLY A 105 17.50 -9.48 1.89
N VAL A 106 18.65 -9.78 1.27
CA VAL A 106 18.73 -10.53 0.04
C VAL A 106 19.52 -11.82 0.13
N CYS A 107 19.37 -12.64 -0.90
CA CYS A 107 20.12 -13.84 -1.16
C CYS A 107 20.57 -13.77 -2.61
N THR A 108 21.81 -13.26 -2.80
CA THR A 108 22.47 -13.09 -4.10
C THR A 108 23.50 -14.21 -4.35
N GLU A 109 23.42 -15.26 -3.53
CA GLU A 109 24.21 -16.48 -3.54
C GLU A 109 23.65 -17.38 -4.68
N GLY A 110 23.99 -17.01 -5.91
CA GLY A 110 23.53 -17.71 -7.10
C GLY A 110 22.25 -17.12 -7.68
N ARG A 111 21.39 -17.98 -8.23
CA ARG A 111 20.12 -17.63 -8.86
C ARG A 111 19.01 -18.59 -8.36
N PRO A 112 17.73 -18.15 -8.28
CA PRO A 112 17.21 -16.80 -8.55
C PRO A 112 17.58 -15.83 -7.43
N LEU A 113 17.68 -14.54 -7.75
CA LEU A 113 17.97 -13.54 -6.74
C LEU A 113 16.71 -13.47 -5.86
N LEU A 114 16.88 -13.39 -4.53
CA LEU A 114 15.76 -13.36 -3.61
C LEU A 114 15.78 -12.15 -2.71
N MET A 115 14.59 -11.60 -2.41
CA MET A 115 14.37 -10.50 -1.47
C MET A 115 13.51 -11.10 -0.38
N VAL A 116 13.90 -10.92 0.89
CA VAL A 116 13.22 -11.55 2.02
C VAL A 116 12.48 -10.50 2.82
N PHE A 117 11.17 -10.71 2.98
CA PHE A 117 10.29 -9.83 3.70
C PHE A 117 9.56 -10.55 4.81
N GLU A 118 9.00 -9.79 5.74
CA GLU A 118 8.21 -10.44 6.79
C GLU A 118 6.91 -10.97 6.14
N TYR A 119 6.33 -11.99 6.75
CA TYR A 119 5.10 -12.60 6.28
C TYR A 119 3.94 -11.94 6.99
N MET A 120 2.99 -11.46 6.20
CA MET A 120 1.79 -10.76 6.64
C MET A 120 0.64 -11.68 6.32
N ARG A 121 0.20 -12.42 7.36
CA ARG A 121 -0.84 -13.46 7.39
C ARG A 121 -2.12 -13.15 6.60
N HIS A 122 -2.65 -11.93 6.70
CA HIS A 122 -3.91 -11.62 6.01
C HIS A 122 -3.76 -11.17 4.55
N GLY A 123 -2.53 -11.07 4.05
CA GLY A 123 -2.36 -10.66 2.66
C GLY A 123 -2.57 -9.19 2.41
N ASP A 124 -2.86 -8.80 1.17
CA ASP A 124 -2.98 -7.38 0.86
C ASP A 124 -4.28 -6.78 1.47
N LEU A 125 -4.22 -5.50 1.82
CA LEU A 125 -5.32 -4.76 2.43
C LEU A 125 -6.60 -4.72 1.57
N ASN A 126 -6.48 -4.67 0.22
CA ASN A 126 -7.69 -4.70 -0.61
C ASN A 126 -8.50 -6.01 -0.41
N ARG A 127 -7.80 -7.16 -0.44
CA ARG A 127 -8.37 -8.50 -0.28
C ARG A 127 -8.94 -8.63 1.15
N PHE A 128 -8.22 -8.12 2.14
CA PHE A 128 -8.66 -8.16 3.53
C PHE A 128 -9.99 -7.38 3.72
N LEU A 129 -10.06 -6.17 3.17
CA LEU A 129 -11.27 -5.33 3.25
C LEU A 129 -12.45 -6.03 2.59
N ARG A 130 -12.28 -6.52 1.35
CA ARG A 130 -13.33 -7.22 0.60
C ARG A 130 -13.94 -8.43 1.36
N SER A 131 -13.07 -9.24 2.00
CA SER A 131 -13.40 -10.43 2.77
C SER A 131 -14.06 -10.10 4.13
N HIS A 132 -14.03 -8.82 4.56
CA HIS A 132 -14.62 -8.33 5.81
C HIS A 132 -15.60 -7.17 5.58
N GLY A 133 -16.24 -7.20 4.41
CA GLY A 133 -17.23 -6.24 3.94
C GLY A 133 -18.59 -6.89 3.84
N PRO A 134 -19.70 -6.11 3.84
CA PRO A 134 -21.05 -6.72 3.77
C PRO A 134 -21.34 -7.63 2.56
N ASP A 135 -20.46 -7.65 1.53
CA ASP A 135 -20.60 -8.50 0.33
C ASP A 135 -19.73 -9.78 0.37
N ALA A 136 -19.16 -10.11 1.55
CA ALA A 136 -18.32 -11.29 1.73
C ALA A 136 -19.15 -12.55 1.95
N GLY A 142 -11.59 -15.94 12.58
CA GLY A 142 -12.03 -15.02 13.61
C GLY A 142 -11.05 -14.80 14.75
N GLU A 143 -9.76 -15.16 14.56
CA GLU A 143 -8.73 -14.99 15.60
C GLU A 143 -8.32 -13.52 15.85
N ASP A 144 -8.25 -12.73 14.77
CA ASP A 144 -7.84 -11.33 14.80
C ASP A 144 -8.97 -10.33 14.73
N VAL A 145 -10.07 -10.70 14.05
CA VAL A 145 -11.24 -9.83 13.86
C VAL A 145 -12.55 -10.53 14.15
N ALA A 146 -13.53 -9.75 14.63
CA ALA A 146 -14.88 -10.15 14.99
C ALA A 146 -15.73 -10.55 13.77
N PRO A 147 -16.92 -11.21 13.97
CA PRO A 147 -17.76 -11.57 12.82
C PRO A 147 -18.37 -10.32 12.16
N GLY A 148 -18.96 -10.52 10.97
CA GLY A 148 -19.60 -9.46 10.19
C GLY A 148 -18.64 -8.41 9.65
N PRO A 149 -19.19 -7.27 9.13
CA PRO A 149 -18.31 -6.22 8.59
C PRO A 149 -17.48 -5.51 9.65
N LEU A 150 -16.34 -4.94 9.25
CA LEU A 150 -15.43 -4.21 10.14
C LEU A 150 -16.13 -2.98 10.66
N GLY A 151 -16.01 -2.75 11.95
CA GLY A 151 -16.61 -1.60 12.61
C GLY A 151 -15.91 -0.32 12.24
N LEU A 152 -16.48 0.83 12.66
CA LEU A 152 -15.91 2.15 12.40
C LEU A 152 -14.53 2.28 13.02
N GLY A 153 -14.40 1.77 14.25
CA GLY A 153 -13.15 1.78 15.01
C GLY A 153 -12.01 1.08 14.30
N GLN A 154 -12.27 -0.11 13.73
CA GLN A 154 -11.22 -0.85 13.01
C GLN A 154 -10.88 -0.22 11.66
N LEU A 155 -11.87 0.35 10.94
CA LEU A 155 -11.64 1.05 9.67
C LEU A 155 -10.74 2.27 9.92
N LEU A 156 -10.96 2.96 11.05
CA LEU A 156 -10.15 4.12 11.44
C LEU A 156 -8.75 3.70 11.86
N ALA A 157 -8.63 2.48 12.43
CA ALA A 157 -7.33 1.94 12.82
C ALA A 157 -6.54 1.63 11.54
N VAL A 158 -7.20 1.00 10.55
CA VAL A 158 -6.62 0.65 9.23
C VAL A 158 -6.10 1.92 8.53
N ALA A 159 -6.93 2.97 8.42
CA ALA A 159 -6.59 4.26 7.79
C ALA A 159 -5.43 4.99 8.46
N SER A 160 -5.42 4.98 9.80
CA SER A 160 -4.38 5.64 10.60
C SER A 160 -2.98 5.01 10.41
N GLN A 161 -2.92 3.67 10.32
CA GLN A 161 -1.64 2.97 10.13
C GLN A 161 -1.06 3.28 8.73
N VAL A 162 -1.91 3.27 7.68
CA VAL A 162 -1.48 3.60 6.29
C VAL A 162 -0.95 5.07 6.27
N ALA A 163 -1.66 5.99 6.95
CA ALA A 163 -1.27 7.40 7.04
C ALA A 163 0.08 7.55 7.76
N ALA A 164 0.30 6.76 8.83
CA ALA A 164 1.56 6.76 9.57
C ALA A 164 2.74 6.35 8.66
N GLY A 165 2.54 5.34 7.81
CA GLY A 165 3.56 4.91 6.88
C GLY A 165 3.90 6.02 5.89
N MET A 166 2.88 6.76 5.41
CA MET A 166 3.08 7.88 4.46
C MET A 166 3.78 9.05 5.11
N VAL A 167 3.52 9.30 6.41
CA VAL A 167 4.18 10.37 7.18
C VAL A 167 5.69 10.08 7.17
N TYR A 168 6.05 8.81 7.44
CA TYR A 168 7.45 8.39 7.45
C TYR A 168 8.06 8.55 6.06
N LEU A 169 7.36 8.08 5.00
CA LEU A 169 7.89 8.21 3.63
C LEU A 169 8.05 9.69 3.21
N ALA A 170 7.05 10.54 3.52
CA ALA A 170 7.09 11.99 3.23
C ALA A 170 8.26 12.62 3.98
N GLY A 171 8.46 12.20 5.23
CA GLY A 171 9.56 12.65 6.08
C GLY A 171 10.92 12.36 5.48
N LEU A 172 11.07 11.22 4.76
CA LEU A 172 12.32 10.82 4.08
C LEU A 172 12.40 11.44 2.69
N HIS A 173 11.42 12.32 2.35
CA HIS A 173 11.30 13.01 1.06
C HIS A 173 11.10 12.01 -0.09
N PHE A 174 10.34 10.93 0.20
CA PHE A 174 10.03 9.91 -0.80
C PHE A 174 8.59 10.01 -1.26
N VAL A 175 8.42 9.78 -2.55
CA VAL A 175 7.12 9.81 -3.18
C VAL A 175 6.80 8.36 -3.57
N HIS A 176 5.63 7.85 -3.15
CA HIS A 176 5.17 6.50 -3.48
C HIS A 176 4.26 6.71 -4.69
N ARG A 177 4.65 6.20 -5.84
CA ARG A 177 3.86 6.42 -7.06
C ARG A 177 2.68 5.48 -7.22
N ASP A 178 2.44 4.56 -6.25
CA ASP A 178 1.32 3.65 -6.41
C ASP A 178 0.65 3.30 -5.06
N LEU A 179 0.33 4.34 -4.31
CA LEU A 179 -0.33 4.20 -3.02
C LEU A 179 -1.80 3.80 -3.28
N ALA A 180 -2.17 2.62 -2.74
CA ALA A 180 -3.49 2.00 -2.88
C ALA A 180 -3.58 0.84 -1.88
N THR A 181 -4.80 0.46 -1.46
CA THR A 181 -4.94 -0.68 -0.51
C THR A 181 -4.29 -2.00 -1.01
N ARG A 182 -4.26 -2.26 -2.34
CA ARG A 182 -3.58 -3.46 -2.90
C ARG A 182 -2.06 -3.43 -2.57
N ASN A 183 -1.49 -2.23 -2.33
CA ASN A 183 -0.08 -2.01 -2.06
C ASN A 183 0.21 -1.81 -0.57
N CYS A 184 -0.65 -2.41 0.26
CA CYS A 184 -0.54 -2.42 1.71
C CYS A 184 -0.76 -3.87 2.12
N LEU A 185 -0.17 -4.28 3.23
CA LEU A 185 -0.32 -5.65 3.70
C LEU A 185 -0.87 -5.67 5.11
N VAL A 186 -1.58 -6.74 5.46
CA VAL A 186 -2.19 -6.86 6.80
C VAL A 186 -1.61 -8.10 7.53
N GLY A 187 -1.05 -7.90 8.71
CA GLY A 187 -0.48 -9.00 9.49
C GLY A 187 -1.34 -9.35 10.70
N GLN A 188 -0.89 -10.36 11.47
CA GLN A 188 -1.56 -10.86 12.67
C GLN A 188 -1.81 -9.70 13.62
N GLY A 189 -3.02 -9.65 14.18
CA GLY A 189 -3.43 -8.57 15.08
C GLY A 189 -3.85 -7.33 14.34
N LEU A 190 -4.20 -7.48 13.02
CA LEU A 190 -4.65 -6.41 12.13
C LEU A 190 -3.61 -5.25 12.06
N VAL A 191 -2.31 -5.61 12.02
CA VAL A 191 -1.23 -4.63 11.90
C VAL A 191 -1.18 -4.34 10.38
N VAL A 192 -1.31 -3.06 9.99
CA VAL A 192 -1.33 -2.66 8.57
C VAL A 192 -0.04 -1.93 8.20
N LYS A 193 0.60 -2.34 7.07
CA LYS A 193 1.85 -1.71 6.64
C LYS A 193 1.84 -1.49 5.14
N ILE A 194 2.53 -0.44 4.69
CA ILE A 194 2.68 -0.15 3.27
C ILE A 194 3.76 -1.12 2.74
N GLY A 195 3.48 -1.76 1.61
CA GLY A 195 4.41 -2.68 0.99
C GLY A 195 3.68 -3.61 0.06
N ASP A 196 4.40 -4.13 -0.93
CA ASP A 196 3.90 -5.05 -1.92
C ASP A 196 5.13 -5.78 -2.51
N PHE A 197 4.88 -6.82 -3.29
CA PHE A 197 5.94 -7.60 -3.90
C PHE A 197 5.98 -7.43 -5.42
N GLY A 198 5.56 -6.24 -5.89
CA GLY A 198 5.55 -5.88 -7.31
C GLY A 198 4.63 -6.64 -8.23
N MET A 199 3.59 -7.27 -7.71
CA MET A 199 2.67 -8.03 -8.60
C MET A 199 1.30 -7.40 -8.80
N SER A 200 1.09 -6.16 -8.30
CA SER A 200 -0.20 -5.48 -8.40
C SER A 200 -0.67 -5.26 -9.83
N ARG A 201 0.24 -4.91 -10.75
CA ARG A 201 -0.13 -4.70 -12.16
C ARG A 201 -0.66 -5.99 -12.79
N ASP A 202 -0.20 -7.16 -12.30
CA ASP A 202 -0.64 -8.47 -12.78
C ASP A 202 -1.96 -8.91 -12.11
N ILE A 203 -2.01 -8.87 -10.76
CA ILE A 203 -3.15 -9.30 -9.92
C ILE A 203 -4.36 -8.39 -10.05
N TYR A 204 -4.13 -7.08 -10.08
CA TYR A 204 -5.17 -6.04 -10.13
C TYR A 204 -5.02 -5.22 -11.41
N SER A 205 -5.01 -5.89 -12.57
CA SER A 205 -4.80 -5.22 -13.87
C SER A 205 -5.81 -4.13 -14.17
N THR A 206 -7.07 -4.28 -13.74
CA THR A 206 -8.12 -3.28 -13.98
C THR A 206 -7.94 -1.99 -13.18
N ASP A 207 -6.98 -1.98 -12.24
CA ASP A 207 -6.65 -0.80 -11.46
C ASP A 207 -5.63 0.04 -12.19
N TYR A 208 -5.32 -0.33 -13.43
CA TYR A 208 -4.33 0.41 -14.20
C TYR A 208 -4.79 0.70 -15.58
N TYR A 209 -4.36 1.84 -16.09
CA TYR A 209 -4.67 2.26 -17.45
C TYR A 209 -3.38 2.07 -18.28
N ARG A 210 -3.41 1.21 -19.29
CA ARG A 210 -2.23 0.97 -20.11
C ARG A 210 -2.04 2.10 -21.12
N VAL A 211 -0.89 2.78 -21.06
CA VAL A 211 -0.48 3.88 -21.96
C VAL A 211 0.68 3.39 -22.84
N GLY A 212 1.21 2.25 -22.42
CA GLY A 212 2.28 1.45 -22.99
C GLY A 212 3.42 2.02 -23.80
N GLY A 213 4.07 1.16 -24.58
CA GLY A 213 3.74 -0.28 -24.71
C GLY A 213 3.84 -1.07 -23.41
N ARG A 214 4.80 -0.69 -22.53
CA ARG A 214 5.03 -1.36 -21.24
C ARG A 214 4.71 -0.48 -19.99
N THR A 215 3.84 0.53 -20.11
CA THR A 215 3.52 1.42 -18.97
C THR A 215 2.03 1.37 -18.56
N MET A 216 1.80 1.16 -17.26
CA MET A 216 0.47 1.05 -16.67
C MET A 216 0.32 2.07 -15.54
N LEU A 217 -0.62 3.02 -15.70
CA LEU A 217 -0.81 4.08 -14.72
C LEU A 217 -2.00 3.83 -13.79
N PRO A 218 -1.85 4.03 -12.47
CA PRO A 218 -3.00 3.82 -11.56
C PRO A 218 -3.85 5.10 -11.54
N ILE A 219 -4.41 5.46 -12.72
CA ILE A 219 -5.16 6.72 -12.92
C ILE A 219 -6.22 7.01 -11.88
N ARG A 220 -6.99 6.00 -11.42
CA ARG A 220 -8.08 6.22 -10.44
C ARG A 220 -7.60 6.79 -9.13
N TRP A 221 -6.29 6.60 -8.78
CA TRP A 221 -5.69 7.10 -7.55
C TRP A 221 -4.89 8.38 -7.77
N MET A 222 -4.71 8.79 -9.03
CA MET A 222 -3.87 9.95 -9.41
C MET A 222 -4.58 11.31 -9.38
N PRO A 223 -3.89 12.34 -8.87
CA PRO A 223 -4.47 13.69 -8.83
C PRO A 223 -4.47 14.38 -10.21
N PRO A 224 -5.21 15.52 -10.36
CA PRO A 224 -5.24 16.23 -11.66
C PRO A 224 -3.88 16.66 -12.19
N GLU A 225 -2.94 17.11 -11.33
CA GLU A 225 -1.60 17.52 -11.77
C GLU A 225 -0.78 16.35 -12.32
N SER A 226 -1.12 15.10 -11.92
CA SER A 226 -0.42 13.92 -12.40
C SER A 226 -0.92 13.57 -13.76
N ILE A 227 -2.24 13.59 -13.93
CA ILE A 227 -2.91 13.27 -15.18
C ILE A 227 -2.62 14.34 -16.25
N LEU A 228 -2.80 15.61 -15.88
CA LEU A 228 -2.64 16.73 -16.81
C LEU A 228 -1.22 17.14 -17.07
N TYR A 229 -0.43 17.36 -16.00
CA TYR A 229 0.94 17.87 -16.11
C TYR A 229 2.03 16.87 -15.93
N ARG A 230 1.66 15.59 -15.64
CA ARG A 230 2.63 14.51 -15.43
C ARG A 230 3.60 14.82 -14.25
N LYS A 231 3.10 15.54 -13.24
CA LYS A 231 3.85 15.89 -12.04
C LYS A 231 3.31 15.01 -10.89
N PHE A 232 4.21 14.43 -10.07
CA PHE A 232 3.84 13.62 -8.90
C PHE A 232 4.80 14.00 -7.76
N THR A 233 4.24 14.59 -6.71
CA THR A 233 5.00 15.09 -5.56
C THR A 233 4.38 14.50 -4.27
N THR A 234 4.89 14.95 -3.10
CA THR A 234 4.41 14.57 -1.77
C THR A 234 2.90 14.90 -1.68
N GLU A 235 2.48 16.03 -2.26
CA GLU A 235 1.08 16.48 -2.27
C GLU A 235 0.19 15.57 -3.13
N SER A 236 0.77 14.93 -4.17
CA SER A 236 0.06 13.98 -5.03
C SER A 236 -0.20 12.70 -4.21
N ASP A 237 0.70 12.35 -3.24
CA ASP A 237 0.53 11.21 -2.34
C ASP A 237 -0.57 11.46 -1.33
N VAL A 238 -0.82 12.74 -1.00
CA VAL A 238 -1.90 13.14 -0.06
C VAL A 238 -3.21 12.86 -0.78
N TRP A 239 -3.28 13.20 -2.09
CA TRP A 239 -4.48 12.93 -2.90
C TRP A 239 -4.74 11.41 -2.97
N SER A 240 -3.70 10.64 -3.36
CA SER A 240 -3.77 9.18 -3.44
C SER A 240 -4.18 8.60 -2.08
N PHE A 241 -3.66 9.15 -0.97
CA PHE A 241 -4.05 8.71 0.38
C PHE A 241 -5.57 8.89 0.58
N GLY A 242 -6.09 10.04 0.13
CA GLY A 242 -7.52 10.34 0.20
C GLY A 242 -8.30 9.27 -0.54
N VAL A 243 -7.79 8.80 -1.71
CA VAL A 243 -8.44 7.72 -2.47
C VAL A 243 -8.34 6.39 -1.63
N VAL A 244 -7.19 6.16 -0.93
CA VAL A 244 -6.99 4.96 -0.07
C VAL A 244 -8.05 4.97 1.05
N LEU A 245 -8.23 6.13 1.68
CA LEU A 245 -9.23 6.39 2.73
C LEU A 245 -10.62 6.00 2.21
N TRP A 246 -10.96 6.37 0.94
CA TRP A 246 -12.22 6.01 0.31
C TRP A 246 -12.33 4.48 0.10
N GLU A 247 -11.24 3.82 -0.36
CA GLU A 247 -11.26 2.37 -0.57
C GLU A 247 -11.62 1.62 0.75
N ILE A 248 -11.01 2.06 1.86
CA ILE A 248 -11.18 1.49 3.20
C ILE A 248 -12.67 1.56 3.65
N PHE A 249 -13.29 2.75 3.51
CA PHE A 249 -14.69 2.97 3.92
C PHE A 249 -15.71 2.39 2.95
N THR A 250 -15.24 1.79 1.82
CA THR A 250 -16.12 1.13 0.85
C THR A 250 -15.78 -0.35 0.87
N TYR A 251 -14.93 -0.77 1.81
CA TYR A 251 -14.46 -2.17 1.93
C TYR A 251 -13.80 -2.71 0.65
N GLY A 252 -12.87 -1.92 0.13
CA GLY A 252 -12.08 -2.26 -1.05
C GLY A 252 -12.71 -2.13 -2.42
N LYS A 253 -13.78 -1.32 -2.56
CA LYS A 253 -14.40 -1.10 -3.87
C LYS A 253 -13.40 -0.29 -4.72
N GLN A 254 -13.43 -0.50 -6.03
CA GLN A 254 -12.57 0.25 -6.94
C GLN A 254 -13.13 1.69 -7.09
N PRO A 255 -12.28 2.71 -6.91
CA PRO A 255 -12.73 4.11 -7.12
C PRO A 255 -13.21 4.27 -8.57
N TRP A 256 -14.34 4.99 -8.74
CA TRP A 256 -14.98 5.25 -10.04
C TRP A 256 -15.33 3.96 -10.76
N TYR A 257 -15.67 2.89 -9.98
CA TYR A 257 -16.04 1.56 -10.53
C TYR A 257 -17.05 1.62 -11.64
N GLN A 258 -17.95 2.61 -11.60
CA GLN A 258 -18.99 2.76 -12.63
C GLN A 258 -18.44 3.32 -13.97
N LEU A 259 -17.22 3.83 -13.96
CA LEU A 259 -16.62 4.48 -15.13
C LEU A 259 -15.47 3.72 -15.79
N SER A 260 -15.35 3.88 -17.13
CA SER A 260 -14.25 3.33 -17.93
C SER A 260 -13.03 4.24 -17.55
N ASN A 261 -11.83 3.91 -18.02
CA ASN A 261 -10.63 4.69 -17.68
C ASN A 261 -10.64 6.15 -18.18
N THR A 262 -11.12 6.38 -19.41
CA THR A 262 -11.17 7.75 -19.99
C THR A 262 -12.22 8.57 -19.25
N GLU A 263 -13.34 7.94 -18.88
CA GLU A 263 -14.39 8.62 -18.09
C GLU A 263 -13.85 9.01 -16.73
N ALA A 264 -13.02 8.16 -16.11
CA ALA A 264 -12.39 8.44 -14.82
C ALA A 264 -11.44 9.63 -14.95
N ILE A 265 -10.62 9.66 -16.02
CA ILE A 265 -9.69 10.75 -16.31
C ILE A 265 -10.51 12.06 -16.45
N ASP A 266 -11.64 11.99 -17.14
CA ASP A 266 -12.52 13.17 -17.32
C ASP A 266 -13.03 13.72 -15.99
N CYS A 267 -13.45 12.84 -15.05
CA CYS A 267 -13.97 13.23 -13.72
C CYS A 267 -12.93 13.89 -12.89
N ILE A 268 -11.74 13.26 -12.81
CA ILE A 268 -10.61 13.76 -12.03
C ILE A 268 -10.15 15.12 -12.56
N THR A 269 -10.05 15.25 -13.90
CA THR A 269 -9.60 16.53 -14.50
C THR A 269 -10.66 17.61 -14.45
N GLN A 270 -11.96 17.23 -14.47
CA GLN A 270 -13.05 18.21 -14.42
C GLN A 270 -13.39 18.64 -12.99
N GLY A 271 -12.90 17.89 -11.99
CA GLY A 271 -13.10 18.21 -10.58
C GLY A 271 -14.22 17.46 -9.87
N ARG A 272 -14.75 16.38 -10.49
CA ARG A 272 -15.80 15.59 -9.84
C ARG A 272 -15.10 14.72 -8.78
N GLU A 273 -15.58 14.75 -7.52
CA GLU A 273 -15.00 14.03 -6.37
C GLU A 273 -15.78 12.78 -6.04
N LEU A 274 -15.08 11.77 -5.45
CA LEU A 274 -15.72 10.51 -5.08
C LEU A 274 -16.79 10.80 -4.03
N GLU A 275 -17.96 10.16 -4.15
CA GLU A 275 -19.08 10.34 -3.20
C GLU A 275 -18.82 9.66 -1.86
N ARG A 276 -19.48 10.16 -0.80
CA ARG A 276 -19.34 9.64 0.55
C ARG A 276 -19.76 8.20 0.67
N PRO A 277 -18.83 7.33 1.12
CA PRO A 277 -19.17 5.91 1.30
C PRO A 277 -20.26 5.77 2.40
N ARG A 278 -21.19 4.83 2.22
CA ARG A 278 -22.30 4.57 3.15
C ARG A 278 -21.79 4.47 4.59
N ALA A 279 -20.69 3.71 4.80
CA ALA A 279 -20.02 3.47 6.09
C ALA A 279 -19.12 4.62 6.55
N CYS A 280 -19.06 5.71 5.79
CA CYS A 280 -18.17 6.81 6.16
C CYS A 280 -18.90 7.98 6.83
N PRO A 281 -18.53 8.36 8.09
CA PRO A 281 -19.17 9.51 8.75
C PRO A 281 -18.78 10.83 8.06
N PRO A 282 -19.59 11.92 8.21
CA PRO A 282 -19.25 13.20 7.53
C PRO A 282 -17.88 13.76 7.93
N GLU A 283 -17.47 13.51 9.18
CA GLU A 283 -16.18 13.90 9.79
C GLU A 283 -15.00 13.26 9.03
N VAL A 284 -15.15 11.99 8.63
CA VAL A 284 -14.11 11.25 7.90
C VAL A 284 -14.09 11.70 6.42
N TYR A 285 -15.28 11.92 5.84
CA TYR A 285 -15.42 12.39 4.47
C TYR A 285 -14.79 13.78 4.31
N ALA A 286 -14.78 14.56 5.41
CA ALA A 286 -14.17 15.90 5.49
C ALA A 286 -12.65 15.78 5.37
N ILE A 287 -12.08 14.66 5.89
CA ILE A 287 -10.66 14.38 5.79
C ILE A 287 -10.35 14.03 4.32
N MET A 288 -11.19 13.18 3.67
CA MET A 288 -11.01 12.81 2.24
C MET A 288 -11.02 14.07 1.37
N ARG A 289 -12.04 14.96 1.56
CA ARG A 289 -12.20 16.21 0.80
C ARG A 289 -11.01 17.14 0.88
N GLY A 290 -10.37 17.19 2.06
CA GLY A 290 -9.18 17.97 2.32
C GLY A 290 -7.97 17.47 1.54
N CYS A 291 -7.96 16.15 1.23
CA CYS A 291 -6.91 15.48 0.44
C CYS A 291 -7.07 15.79 -1.03
N TRP A 292 -8.31 16.07 -1.42
CA TRP A 292 -8.70 16.28 -2.79
C TRP A 292 -8.83 17.73 -3.27
N GLN A 293 -8.07 18.66 -2.65
CA GLN A 293 -8.08 20.07 -3.09
C GLN A 293 -7.38 20.09 -4.46
N ARG A 294 -8.03 20.70 -5.50
CA ARG A 294 -7.43 20.76 -6.84
C ARG A 294 -5.98 21.28 -6.81
N GLU A 295 -5.72 22.33 -6.01
CA GLU A 295 -4.37 22.88 -5.91
C GLU A 295 -3.51 22.13 -4.88
N PRO A 296 -2.40 21.50 -5.33
CA PRO A 296 -1.54 20.71 -4.41
C PRO A 296 -1.22 21.38 -3.06
N GLN A 297 -0.77 22.65 -3.11
CA GLN A 297 -0.40 23.51 -1.97
C GLN A 297 -1.57 23.73 -0.98
N GLN A 298 -2.82 23.61 -1.47
CA GLN A 298 -4.03 23.76 -0.66
C GLN A 298 -4.35 22.50 0.18
N ARG A 299 -3.91 21.31 -0.25
CA ARG A 299 -4.14 20.04 0.47
C ARG A 299 -3.43 20.06 1.82
N HIS A 300 -4.01 19.39 2.81
CA HIS A 300 -3.38 19.31 4.14
C HIS A 300 -2.20 18.35 4.02
N SER A 301 -1.16 18.50 4.84
CA SER A 301 0.00 17.60 4.80
C SER A 301 -0.44 16.23 5.33
N ILE A 302 0.30 15.16 4.96
CA ILE A 302 -0.01 13.81 5.44
C ILE A 302 0.05 13.76 6.99
N LYS A 303 0.99 14.53 7.59
CA LYS A 303 1.17 14.67 9.04
C LYS A 303 -0.17 15.07 9.70
N ASP A 304 -0.85 16.11 9.18
CA ASP A 304 -2.14 16.58 9.69
C ASP A 304 -3.28 15.60 9.43
N VAL A 305 -3.25 14.93 8.26
CA VAL A 305 -4.26 13.94 7.89
C VAL A 305 -4.17 12.76 8.90
N HIS A 306 -2.93 12.31 9.21
CA HIS A 306 -2.69 11.20 10.14
C HIS A 306 -3.16 11.58 11.55
N ALA A 307 -2.78 12.78 12.03
CA ALA A 307 -3.16 13.31 13.35
C ALA A 307 -4.67 13.24 13.56
N ARG A 308 -5.45 13.70 12.57
CA ARG A 308 -6.92 13.67 12.62
C ARG A 308 -7.49 12.25 12.66
N LEU A 309 -7.01 11.35 11.78
CA LEU A 309 -7.48 9.96 11.73
C LEU A 309 -7.12 9.16 13.00
N GLN A 310 -5.91 9.40 13.54
CA GLN A 310 -5.39 8.73 14.75
C GLN A 310 -6.25 9.13 15.95
N ALA A 311 -6.57 10.44 16.05
CA ALA A 311 -7.44 10.99 17.10
C ALA A 311 -8.77 10.23 17.05
N LEU A 312 -9.33 10.03 15.84
CA LEU A 312 -10.58 9.30 15.66
C LEU A 312 -10.45 7.82 15.99
N ALA A 313 -9.29 7.20 15.63
CA ALA A 313 -9.03 5.78 15.89
C ALA A 313 -8.98 5.52 17.40
N GLN A 314 -8.26 6.37 18.17
CA GLN A 314 -8.10 6.18 19.61
C GLN A 314 -9.13 6.97 20.44
N ALA A 315 -10.20 7.48 19.79
CA ALA A 315 -11.27 8.23 20.44
C ALA A 315 -12.12 7.27 21.25
N PRO A 316 -12.64 7.71 22.44
CA PRO A 316 -13.47 6.80 23.24
C PRO A 316 -14.69 6.31 22.51
N PRO A 317 -15.14 5.06 22.79
CA PRO A 317 -16.35 4.54 22.13
C PRO A 317 -17.52 5.54 22.14
N VAL A 318 -17.81 6.17 23.32
CA VAL A 318 -18.89 7.16 23.51
C VAL A 318 -18.86 8.24 22.40
N TYR A 319 -17.66 8.77 22.10
CA TYR A 319 -17.49 9.77 21.05
C TYR A 319 -17.68 9.15 19.67
N LEU A 320 -17.03 7.99 19.41
CA LEU A 320 -17.13 7.27 18.14
C LEU A 320 -18.53 6.80 17.79
N ASP A 321 -19.33 6.45 18.81
CA ASP A 321 -20.71 5.97 18.65
C ASP A 321 -21.62 7.07 18.09
N VAL A 322 -21.33 8.35 18.42
CA VAL A 322 -22.13 9.51 17.97
C VAL A 322 -21.61 10.10 16.63
N LEU A 323 -20.59 9.46 16.02
CA LEU A 323 -20.05 9.89 14.73
C LEU A 323 -20.65 8.96 13.67
N GLY A 324 -20.62 7.65 13.96
CA GLY A 324 -21.16 6.62 13.08
C GLY A 324 -22.20 5.75 13.78
#